data_1C12
#
_entry.id   1C12
#
_cell.length_a   40.400
_cell.length_b   84.100
_cell.length_c   134.300
_cell.angle_alpha   90.00
_cell.angle_beta   90.00
_cell.angle_gamma   90.00
#
_symmetry.space_group_name_H-M   'P 2 21 21'
#
loop_
_entity.id
_entity.type
_entity.pdbx_description
1 polymer 'PROTEIN (ANTIBODY FRAGMENT FAB)'
2 polymer 'PROTEIN (ANTIBODY FRAGMENT FAB)'
3 non-polymer TRAZEOLIDE
4 water water
#
loop_
_entity_poly.entity_id
_entity_poly.type
_entity_poly.pdbx_seq_one_letter_code
_entity_poly.pdbx_strand_id
1 'polypeptide(L)'
;DIELTQSPSSMSVSLGDTVSITCHASQGISSNIGWLQQKPGKSFKGLIYHGTNLEDGVPSRFSGSGSGADYSLTISSLES
EDFADYYCVQYVQFPFTFGSGTKLEIKRADAAPTVSIFPPSSEQLTSGGASVVCFLNNFYPKDINVKWKIDGSERQNGVL
NSWTDQDSKDSTYSMSSTLTLTKDEYERHNSYTCEATHKTSTSPIVKSFNRNEA
;
A
2 'polypeptide(L)'
;QVQLQESGPGLVKPSQSLSLTCTVTGYSITSDYAWNWIRQFPGNKLEWMGYISYSGSTSYSPSLKSRISLTRDTSKNQFF
LQLNSVTTEDTATYYCVTSLTWLLRRKRSYWGQGTTVTVSSASTKGPSVYPLAPGSKAAASMVTLGCLVKGYFPEPVTVT
WNSGSLSSGVHTFPAVLQSDLYTLSSSVTVPSSPRPSETVTCNVAHPASSTKVDKKIVPE
;
B
#
# COMPACT_ATOMS: atom_id res chain seq x y z
N ASP A 1 23.25 -14.33 4.59
CA ASP A 1 22.65 -13.40 3.59
C ASP A 1 23.45 -12.12 3.52
N ILE A 2 23.54 -11.51 2.34
CA ILE A 2 24.25 -10.26 2.21
C ILE A 2 23.25 -9.16 2.59
N GLU A 3 23.57 -8.44 3.65
CA GLU A 3 22.75 -7.37 4.17
C GLU A 3 23.00 -6.02 3.47
N LEU A 4 22.12 -5.69 2.52
CA LEU A 4 22.22 -4.42 1.80
C LEU A 4 21.36 -3.44 2.57
N THR A 5 22.00 -2.40 3.13
CA THR A 5 21.33 -1.35 3.90
C THR A 5 21.28 -0.05 3.09
N GLN A 6 20.09 0.52 2.93
CA GLN A 6 19.90 1.78 2.22
C GLN A 6 19.63 2.95 3.16
N SER A 7 19.98 4.13 2.69
CA SER A 7 19.76 5.36 3.41
C SER A 7 19.82 6.49 2.40
N PRO A 8 18.94 7.50 2.55
CA PRO A 8 17.92 7.57 3.61
C PRO A 8 16.76 6.61 3.34
N SER A 9 15.82 6.52 4.27
CA SER A 9 14.66 5.66 4.11
C SER A 9 13.53 6.39 3.38
N SER A 10 13.69 7.70 3.24
CA SER A 10 12.73 8.56 2.56
C SER A 10 13.33 9.96 2.53
N MET A 11 12.73 10.84 1.74
CA MET A 11 13.23 12.22 1.65
C MET A 11 12.27 13.17 0.95
N SER A 12 12.04 14.31 1.57
CA SER A 12 11.16 15.35 1.05
C SER A 12 12.01 16.25 0.15
N VAL A 13 11.71 16.24 -1.15
CA VAL A 13 12.47 17.05 -2.10
C VAL A 13 11.61 17.73 -3.18
N SER A 14 12.15 18.81 -3.74
CA SER A 14 11.45 19.59 -4.77
C SER A 14 11.88 19.24 -6.19
N LEU A 15 11.00 19.56 -7.15
CA LEU A 15 11.29 19.32 -8.55
C LEU A 15 12.50 20.15 -8.92
N GLY A 16 13.45 19.55 -9.63
CA GLY A 16 14.66 20.26 -10.02
C GLY A 16 15.87 20.01 -9.13
N ASP A 17 15.66 19.32 -8.00
CA ASP A 17 16.76 19.01 -7.08
C ASP A 17 17.51 17.77 -7.52
N THR A 18 18.70 17.59 -6.94
CA THR A 18 19.52 16.43 -7.22
C THR A 18 19.49 15.60 -5.95
N VAL A 19 19.22 14.31 -6.12
CA VAL A 19 19.13 13.40 -5.00
C VAL A 19 20.09 12.23 -5.14
N SER A 20 20.63 11.79 -4.00
CA SER A 20 21.56 10.68 -3.97
C SER A 20 21.13 9.66 -2.92
N ILE A 21 20.99 8.42 -3.37
CA ILE A 21 20.57 7.31 -2.51
C ILE A 21 21.76 6.37 -2.46
N THR A 22 22.05 5.85 -1.27
CA THR A 22 23.15 4.89 -1.12
C THR A 22 22.72 3.57 -0.54
N CYS A 23 23.46 2.54 -0.90
CA CYS A 23 23.27 1.19 -0.42
C CYS A 23 24.63 0.67 -0.04
N HIS A 24 24.71 0.11 1.14
CA HIS A 24 25.96 -0.46 1.63
C HIS A 24 25.75 -1.95 1.86
N ALA A 25 26.64 -2.76 1.29
CA ALA A 25 26.54 -4.21 1.43
C ALA A 25 27.42 -4.71 2.57
N SER A 26 26.96 -5.75 3.25
CA SER A 26 27.71 -6.34 4.36
C SER A 26 29.00 -7.04 3.94
N GLN A 27 29.40 -6.84 2.70
CA GLN A 27 30.63 -7.39 2.13
C GLN A 27 30.78 -6.95 0.68
N GLY A 28 31.99 -7.13 0.14
CA GLY A 28 32.27 -6.75 -1.23
C GLY A 28 31.43 -7.54 -2.22
N ILE A 29 30.64 -6.84 -3.03
CA ILE A 29 29.78 -7.52 -3.99
C ILE A 29 30.20 -7.41 -5.44
N SER A 30 31.38 -6.83 -5.67
CA SER A 30 31.95 -6.72 -7.00
C SER A 30 31.11 -6.02 -8.07
N SER A 31 30.49 -4.90 -7.70
CA SER A 31 29.66 -4.13 -8.63
C SER A 31 28.43 -4.89 -9.16
N ASN A 32 28.06 -5.99 -8.49
CA ASN A 32 26.88 -6.79 -8.87
C ASN A 32 25.66 -6.28 -8.11
N ILE A 33 25.14 -5.14 -8.57
CA ILE A 33 24.00 -4.53 -7.93
C ILE A 33 23.17 -3.81 -8.97
N GLY A 34 21.87 -3.77 -8.74
CA GLY A 34 20.99 -3.10 -9.67
C GLY A 34 20.09 -2.18 -8.86
N TRP A 35 19.52 -1.18 -9.51
CA TRP A 35 18.64 -0.24 -8.85
C TRP A 35 17.29 -0.35 -9.51
N LEU A 36 16.25 -0.50 -8.71
CA LEU A 36 14.88 -0.65 -9.18
C LEU A 36 14.00 0.52 -8.77
N GLN A 37 13.01 0.82 -9.59
CA GLN A 37 12.06 1.88 -9.29
C GLN A 37 10.65 1.31 -9.27
N GLN A 38 9.93 1.56 -8.17
CA GLN A 38 8.57 1.11 -8.03
C GLN A 38 7.65 2.34 -7.88
N LYS A 39 6.76 2.55 -8.84
CA LYS A 39 5.84 3.68 -8.80
C LYS A 39 4.56 3.38 -8.03
N PRO A 40 3.73 4.39 -7.78
CA PRO A 40 2.48 4.29 -7.08
C PRO A 40 1.60 3.26 -7.53
N GLY A 41 1.43 2.49 -6.36
CA GLY A 41 0.51 1.46 -6.68
C GLY A 41 1.15 0.26 -7.13
N LYS A 42 1.66 0.44 -8.39
CA LYS A 42 2.36 -0.34 -9.33
C LYS A 42 3.30 -1.45 -9.27
N SER A 43 3.95 -1.49 -10.42
CA SER A 43 4.99 -2.33 -10.83
C SER A 43 6.35 -1.69 -10.85
N PHE A 44 7.33 -2.55 -11.09
CA PHE A 44 8.73 -2.22 -11.11
C PHE A 44 9.40 -1.93 -12.44
N LYS A 45 10.48 -1.17 -12.34
CA LYS A 45 11.27 -0.79 -13.51
C LYS A 45 12.75 -0.82 -13.12
N GLY A 46 13.55 -1.54 -13.92
CA GLY A 46 14.97 -1.63 -13.65
C GLY A 46 15.65 -0.34 -14.11
N LEU A 47 16.47 0.26 -13.24
CA LEU A 47 17.15 1.51 -13.58
C LEU A 47 18.56 1.29 -14.08
N ILE A 48 19.41 0.74 -13.23
CA ILE A 48 20.79 0.49 -13.60
C ILE A 48 21.19 -0.93 -13.19
N TYR A 49 22.17 -1.48 -13.90
CA TYR A 49 22.70 -2.81 -13.63
C TYR A 49 24.22 -2.75 -13.55
N HIS A 50 24.82 -3.75 -12.93
CA HIS A 50 26.27 -3.81 -12.76
C HIS A 50 26.83 -2.49 -12.20
N GLY A 51 26.12 -1.97 -11.20
CA GLY A 51 26.53 -0.74 -10.54
C GLY A 51 26.49 0.59 -11.29
N THR A 52 26.99 0.62 -12.53
CA THR A 52 27.04 1.87 -13.28
C THR A 52 26.23 1.96 -14.58
N ASN A 53 25.88 0.82 -15.16
CA ASN A 53 25.15 0.78 -16.43
C ASN A 53 23.64 1.01 -16.40
N LEU A 54 23.17 1.91 -17.27
CA LEU A 54 21.73 2.19 -17.38
C LEU A 54 21.09 1.15 -18.28
N GLU A 55 19.78 0.95 -18.10
CA GLU A 55 19.03 -0.01 -18.90
C GLU A 55 18.39 0.71 -20.08
N ASP A 56 18.04 -0.05 -21.11
CA ASP A 56 17.41 0.52 -22.29
C ASP A 56 16.15 1.29 -21.89
N GLY A 57 16.07 2.54 -22.34
CA GLY A 57 14.93 3.37 -22.05
C GLY A 57 15.06 4.31 -20.87
N VAL A 58 16.00 4.05 -19.98
CA VAL A 58 16.22 4.88 -18.79
C VAL A 58 16.82 6.26 -19.11
N PRO A 59 16.06 7.34 -18.82
CA PRO A 59 16.52 8.71 -19.08
C PRO A 59 17.89 9.01 -18.48
N SER A 60 18.70 9.77 -19.21
CA SER A 60 20.06 10.13 -18.85
C SER A 60 20.32 10.67 -17.43
N ARG A 61 19.31 11.27 -16.81
CA ARG A 61 19.44 11.83 -15.46
C ARG A 61 19.66 10.82 -14.32
N PHE A 62 19.67 9.54 -14.65
CA PHE A 62 19.91 8.51 -13.65
C PHE A 62 21.36 8.10 -13.75
N SER A 63 22.01 7.88 -12.61
CA SER A 63 23.43 7.52 -12.61
C SER A 63 23.82 6.70 -11.41
N GLY A 64 24.61 5.65 -11.64
CA GLY A 64 25.05 4.80 -10.57
C GLY A 64 26.55 4.86 -10.38
N SER A 65 26.99 4.65 -9.14
CA SER A 65 28.41 4.68 -8.80
C SER A 65 28.66 3.79 -7.61
N GLY A 66 29.91 3.44 -7.39
CA GLY A 66 30.24 2.57 -6.26
C GLY A 66 31.22 1.47 -6.56
N SER A 67 31.87 0.97 -5.50
CA SER A 67 32.84 -0.10 -5.60
C SER A 67 32.78 -0.91 -4.33
N GLY A 68 33.29 -2.13 -4.38
CA GLY A 68 33.29 -2.99 -3.21
C GLY A 68 31.94 -3.14 -2.52
N ALA A 69 31.76 -2.45 -1.40
CA ALA A 69 30.51 -2.54 -0.64
C ALA A 69 29.70 -1.25 -0.57
N ASP A 70 30.08 -0.24 -1.32
CA ASP A 70 29.35 1.02 -1.31
C ASP A 70 28.97 1.46 -2.71
N TYR A 71 27.66 1.57 -2.93
CA TYR A 71 27.11 1.98 -4.23
C TYR A 71 26.13 3.13 -4.05
N SER A 72 25.95 3.91 -5.10
CA SER A 72 25.07 5.08 -5.01
C SER A 72 24.27 5.36 -6.28
N LEU A 73 23.05 5.83 -6.10
CA LEU A 73 22.19 6.19 -7.21
C LEU A 73 21.99 7.69 -7.16
N THR A 74 22.16 8.35 -8.30
CA THR A 74 22.01 9.80 -8.36
C THR A 74 21.03 10.19 -9.44
N ILE A 75 20.10 11.05 -9.07
CA ILE A 75 19.07 11.54 -9.97
C ILE A 75 19.19 13.07 -10.04
N SER A 76 19.90 13.53 -11.06
CA SER A 76 20.13 14.95 -11.28
C SER A 76 18.89 15.60 -11.87
N SER A 77 18.43 16.66 -11.23
CA SER A 77 17.24 17.39 -11.67
C SER A 77 16.03 16.46 -11.68
N LEU A 78 15.40 16.29 -10.53
CA LEU A 78 14.23 15.42 -10.40
C LEU A 78 13.08 15.97 -11.22
N GLU A 79 12.22 15.07 -11.69
CA GLU A 79 11.04 15.42 -12.46
C GLU A 79 9.86 14.78 -11.73
N SER A 80 8.64 15.10 -12.15
CA SER A 80 7.44 14.56 -11.50
C SER A 80 7.42 13.03 -11.52
N GLU A 81 7.90 12.45 -12.62
CA GLU A 81 7.95 10.99 -12.76
C GLU A 81 8.89 10.36 -11.73
N ASP A 82 9.96 11.08 -11.42
CA ASP A 82 10.98 10.61 -10.49
C ASP A 82 10.54 10.36 -9.05
N PHE A 83 9.38 10.89 -8.67
CA PHE A 83 8.87 10.68 -7.32
C PHE A 83 8.25 9.30 -7.17
N ALA A 84 9.04 8.39 -6.60
CA ALA A 84 8.60 7.02 -6.40
C ALA A 84 9.44 6.37 -5.31
N ASP A 85 9.52 5.04 -5.36
CA ASP A 85 10.28 4.24 -4.39
C ASP A 85 11.45 3.57 -5.09
N TYR A 86 12.63 3.67 -4.49
CA TYR A 86 13.84 3.08 -5.05
C TYR A 86 14.44 1.96 -4.19
N TYR A 87 14.81 0.87 -4.83
CA TYR A 87 15.37 -0.27 -4.15
C TYR A 87 16.66 -0.73 -4.83
N CYS A 88 17.60 -1.21 -4.03
CA CYS A 88 18.83 -1.72 -4.58
C CYS A 88 18.78 -3.21 -4.29
N VAL A 89 19.47 -3.99 -5.10
CA VAL A 89 19.49 -5.42 -4.93
C VAL A 89 20.85 -6.02 -5.24
N GLN A 90 21.26 -6.97 -4.42
CA GLN A 90 22.54 -7.64 -4.60
C GLN A 90 22.26 -8.96 -5.32
N TYR A 91 22.91 -9.16 -6.46
CA TYR A 91 22.71 -10.41 -7.20
C TYR A 91 23.93 -11.32 -7.32
N VAL A 92 24.96 -11.02 -6.54
CA VAL A 92 26.20 -11.78 -6.54
C VAL A 92 26.13 -13.11 -5.74
N GLN A 93 25.20 -13.20 -4.80
CA GLN A 93 25.11 -14.41 -3.98
C GLN A 93 23.69 -14.75 -3.54
N PHE A 94 23.33 -16.04 -3.64
CA PHE A 94 22.00 -16.51 -3.24
C PHE A 94 21.88 -16.49 -1.72
N PRO A 95 20.74 -16.01 -1.20
CA PRO A 95 19.58 -15.52 -1.94
C PRO A 95 19.71 -14.03 -2.23
N PHE A 96 19.46 -13.64 -3.48
CA PHE A 96 19.54 -12.24 -3.89
C PHE A 96 18.77 -11.38 -2.90
N THR A 97 19.45 -10.40 -2.31
CA THR A 97 18.84 -9.55 -1.30
C THR A 97 18.59 -8.11 -1.71
N PHE A 98 17.54 -7.54 -1.15
CA PHE A 98 17.13 -6.17 -1.46
C PHE A 98 17.34 -5.19 -0.30
N GLY A 99 17.34 -3.91 -0.64
CA GLY A 99 17.49 -2.89 0.38
C GLY A 99 16.09 -2.50 0.86
N SER A 100 16.01 -1.90 2.06
CA SER A 100 14.73 -1.51 2.65
C SER A 100 13.95 -0.49 1.82
N GLY A 101 14.58 0.09 0.81
CA GLY A 101 13.91 1.06 -0.04
C GLY A 101 14.02 2.49 0.46
N THR A 102 13.83 3.44 -0.45
CA THR A 102 13.87 4.86 -0.14
C THR A 102 12.70 5.50 -0.89
N LYS A 103 11.90 6.28 -0.19
CA LYS A 103 10.74 6.92 -0.80
C LYS A 103 11.00 8.39 -1.06
N LEU A 104 10.88 8.82 -2.31
CA LEU A 104 11.08 10.21 -2.65
C LEU A 104 9.74 10.96 -2.54
N GLU A 105 9.58 11.73 -1.47
CA GLU A 105 8.36 12.50 -1.29
C GLU A 105 8.55 13.95 -1.73
N ILE A 106 7.54 14.49 -2.40
CA ILE A 106 7.62 15.88 -2.86
C ILE A 106 7.32 16.82 -1.70
N LYS A 107 8.27 17.71 -1.42
CA LYS A 107 8.12 18.68 -0.34
C LYS A 107 7.17 19.81 -0.74
N ARG A 108 6.44 20.31 0.26
CA ARG A 108 5.50 21.41 0.09
C ARG A 108 5.44 22.12 1.45
N ALA A 109 4.74 23.25 1.52
CA ALA A 109 4.65 23.98 2.78
C ALA A 109 3.80 23.24 3.82
N ASP A 110 4.00 23.57 5.09
CA ASP A 110 3.25 22.96 6.17
C ASP A 110 1.76 23.23 5.99
N ALA A 111 0.95 22.35 6.55
CA ALA A 111 -0.50 22.47 6.47
C ALA A 111 -1.10 21.75 7.69
N ALA A 112 -1.95 22.45 8.44
CA ALA A 112 -2.58 21.84 9.61
C ALA A 112 -3.70 20.89 9.18
N PRO A 113 -3.97 19.86 9.99
CA PRO A 113 -5.03 18.93 9.62
C PRO A 113 -6.44 19.41 9.99
N THR A 114 -7.40 19.02 9.16
CA THR A 114 -8.80 19.32 9.40
C THR A 114 -9.25 18.06 10.16
N VAL A 115 -9.69 18.23 11.40
CA VAL A 115 -10.13 17.09 12.19
C VAL A 115 -11.64 16.98 12.23
N SER A 116 -12.15 15.74 12.17
CA SER A 116 -13.58 15.48 12.21
C SER A 116 -13.82 14.20 13.00
N ILE A 117 -14.73 14.25 13.96
CA ILE A 117 -15.05 13.08 14.79
C ILE A 117 -16.52 12.68 14.59
N PHE A 118 -16.74 11.39 14.38
CA PHE A 118 -18.08 10.88 14.13
C PHE A 118 -18.56 9.88 15.17
N PRO A 119 -19.78 10.09 15.68
CA PRO A 119 -20.40 9.22 16.68
C PRO A 119 -20.86 7.96 15.97
N PRO A 120 -21.02 6.85 16.70
CA PRO A 120 -21.47 5.64 16.00
C PRO A 120 -22.90 5.84 15.53
N SER A 121 -23.18 5.38 14.32
CA SER A 121 -24.51 5.50 13.72
C SER A 121 -25.53 4.63 14.44
N SER A 122 -26.81 5.00 14.35
CA SER A 122 -27.89 4.26 14.98
C SER A 122 -27.96 2.84 14.43
N GLU A 123 -27.74 2.71 13.12
CA GLU A 123 -27.77 1.42 12.44
C GLU A 123 -26.78 0.45 13.05
N GLN A 124 -25.59 0.95 13.37
CA GLN A 124 -24.58 0.12 13.97
C GLN A 124 -24.92 -0.24 15.41
N LEU A 125 -25.38 0.73 16.18
CA LEU A 125 -25.74 0.52 17.58
C LEU A 125 -26.85 -0.53 17.77
N THR A 126 -27.70 -0.69 16.76
CA THR A 126 -28.77 -1.66 16.80
C THR A 126 -28.14 -3.05 16.84
N SER A 127 -27.06 -3.21 16.07
CA SER A 127 -26.33 -4.46 15.98
C SER A 127 -25.67 -4.78 17.32
N GLY A 128 -25.12 -3.75 17.95
CA GLY A 128 -24.46 -3.94 19.24
C GLY A 128 -23.00 -3.54 19.19
N GLY A 129 -22.62 -2.82 18.14
CA GLY A 129 -21.25 -2.36 17.99
C GLY A 129 -21.26 -0.85 17.99
N ALA A 130 -20.10 -0.23 18.21
CA ALA A 130 -20.03 1.22 18.24
C ALA A 130 -18.64 1.71 17.87
N SER A 131 -18.48 2.07 16.60
CA SER A 131 -17.20 2.57 16.10
C SER A 131 -17.21 4.10 16.04
N VAL A 132 -16.17 4.71 16.59
CA VAL A 132 -16.06 6.16 16.58
C VAL A 132 -14.92 6.50 15.63
N VAL A 133 -15.25 7.20 14.55
CA VAL A 133 -14.27 7.55 13.53
C VAL A 133 -13.78 8.97 13.61
N CYS A 134 -12.48 9.13 13.37
CA CYS A 134 -11.86 10.45 13.35
C CYS A 134 -11.02 10.54 12.11
N PHE A 135 -11.26 11.58 11.32
CA PHE A 135 -10.51 11.83 10.09
C PHE A 135 -9.58 13.03 10.33
N LEU A 136 -8.33 12.90 9.92
CA LEU A 136 -7.35 13.99 10.03
C LEU A 136 -6.95 14.17 8.58
N ASN A 137 -7.57 15.15 7.92
CA ASN A 137 -7.34 15.39 6.52
C ASN A 137 -6.49 16.56 6.06
N ASN A 138 -5.72 16.28 5.01
CA ASN A 138 -4.84 17.23 4.36
C ASN A 138 -3.89 17.95 5.29
N PHE A 139 -2.89 17.23 5.78
CA PHE A 139 -1.91 17.84 6.66
C PHE A 139 -0.49 17.65 6.14
N TYR A 140 0.45 18.37 6.73
CA TYR A 140 1.86 18.28 6.34
C TYR A 140 2.74 18.88 7.43
N PRO A 141 3.84 18.17 7.79
CA PRO A 141 4.26 16.87 7.24
C PRO A 141 3.60 15.64 7.87
N LYS A 142 3.84 14.51 7.24
CA LYS A 142 3.32 13.20 7.62
C LYS A 142 3.32 12.83 9.11
N ASP A 143 4.24 13.43 9.87
CA ASP A 143 4.36 13.15 11.30
C ASP A 143 3.20 13.66 12.13
N ILE A 144 2.34 12.76 12.57
CA ILE A 144 1.19 13.14 13.38
C ILE A 144 0.85 12.06 14.43
N ASN A 145 0.61 12.51 15.66
CA ASN A 145 0.27 11.62 16.77
C ASN A 145 -1.21 11.77 17.11
N VAL A 146 -1.91 10.65 17.25
CA VAL A 146 -3.33 10.70 17.55
C VAL A 146 -3.73 9.93 18.81
N LYS A 147 -4.21 10.69 19.80
CA LYS A 147 -4.65 10.13 21.06
C LYS A 147 -6.17 10.10 21.15
N TRP A 148 -6.70 8.98 21.62
CA TRP A 148 -8.13 8.77 21.80
C TRP A 148 -8.42 8.70 23.28
N LYS A 149 -9.12 9.70 23.81
CA LYS A 149 -9.44 9.71 25.22
C LYS A 149 -10.92 9.45 25.43
N ILE A 150 -11.23 8.65 26.44
CA ILE A 150 -12.62 8.35 26.78
C ILE A 150 -12.87 8.89 28.20
N ASP A 151 -13.62 9.98 28.28
CA ASP A 151 -13.92 10.63 29.55
C ASP A 151 -12.68 11.19 30.24
N GLY A 152 -11.71 11.62 29.42
CA GLY A 152 -10.48 12.19 29.97
C GLY A 152 -9.35 11.20 30.18
N SER A 153 -9.59 9.92 29.87
CA SER A 153 -8.57 8.90 30.03
C SER A 153 -8.23 8.28 28.68
N GLU A 154 -6.93 8.27 28.36
CA GLU A 154 -6.43 7.71 27.11
C GLU A 154 -6.80 6.25 26.90
N ARG A 155 -7.12 5.91 25.66
CA ARG A 155 -7.51 4.56 25.28
C ARG A 155 -6.58 4.09 24.16
N GLN A 156 -5.92 2.95 24.39
CA GLN A 156 -4.99 2.39 23.43
C GLN A 156 -5.62 1.32 22.54
N ASN A 157 -6.29 0.34 23.15
CA ASN A 157 -6.91 -0.76 22.42
C ASN A 157 -8.13 -0.44 21.58
N GLY A 158 -8.22 -1.10 20.43
CA GLY A 158 -9.34 -0.90 19.52
C GLY A 158 -9.08 0.20 18.51
N VAL A 159 -7.98 0.93 18.69
CA VAL A 159 -7.61 2.02 17.79
C VAL A 159 -6.99 1.48 16.51
N LEU A 160 -7.68 1.69 15.40
CA LEU A 160 -7.23 1.23 14.10
C LEU A 160 -6.87 2.46 13.27
N ASN A 161 -5.60 2.59 12.91
CA ASN A 161 -5.13 3.73 12.14
C ASN A 161 -4.91 3.36 10.68
N SER A 162 -5.05 4.35 9.80
CA SER A 162 -4.86 4.14 8.37
C SER A 162 -4.52 5.44 7.65
N TRP A 163 -3.44 5.43 6.88
CA TRP A 163 -2.99 6.60 6.13
C TRP A 163 -3.05 6.37 4.62
N THR A 164 -3.20 7.48 3.91
CA THR A 164 -3.26 7.50 2.45
C THR A 164 -1.86 7.88 1.98
N ASP A 165 -1.55 7.58 0.72
CA ASP A 165 -0.26 7.96 0.18
C ASP A 165 -0.33 9.47 -0.03
N GLN A 166 0.80 10.10 -0.34
CA GLN A 166 0.81 11.55 -0.55
C GLN A 166 -0.03 11.95 -1.77
N ASP A 167 -1.14 12.64 -1.51
CA ASP A 167 -2.07 13.08 -2.55
C ASP A 167 -1.37 13.86 -3.66
N SER A 168 -1.72 13.55 -4.91
CA SER A 168 -1.08 14.21 -6.06
C SER A 168 -1.51 15.65 -6.37
N LYS A 169 -2.58 16.13 -5.75
CA LYS A 169 -3.03 17.51 -6.00
C LYS A 169 -2.37 18.49 -5.02
N ASP A 170 -2.70 18.32 -3.74
CA ASP A 170 -2.16 19.18 -2.69
C ASP A 170 -0.89 18.67 -2.02
N SER A 171 -0.52 17.42 -2.30
CA SER A 171 0.67 16.77 -1.73
C SER A 171 0.61 16.56 -0.22
N THR A 172 -0.61 16.49 0.32
CA THR A 172 -0.83 16.31 1.75
C THR A 172 -1.14 14.85 2.10
N TYR A 173 -1.14 14.56 3.40
CA TYR A 173 -1.44 13.21 3.90
C TYR A 173 -2.69 13.28 4.75
N SER A 174 -3.46 12.20 4.76
CA SER A 174 -4.69 12.16 5.54
C SER A 174 -4.67 10.92 6.41
N MET A 175 -5.21 11.03 7.61
CA MET A 175 -5.24 9.90 8.52
C MET A 175 -6.65 9.57 8.99
N SER A 176 -6.88 8.30 9.28
CA SER A 176 -8.17 7.85 9.74
C SER A 176 -7.95 6.92 10.93
N SER A 177 -8.37 7.36 12.09
CA SER A 177 -8.25 6.55 13.29
C SER A 177 -9.64 6.19 13.73
N THR A 178 -9.92 4.91 13.80
CA THR A 178 -11.23 4.43 14.21
C THR A 178 -11.12 3.72 15.56
N LEU A 179 -12.02 4.03 16.48
CA LEU A 179 -12.05 3.41 17.80
C LEU A 179 -13.26 2.49 17.91
N THR A 180 -13.01 1.20 17.77
CA THR A 180 -14.10 0.23 17.85
C THR A 180 -14.34 -0.31 19.25
N LEU A 181 -15.57 -0.15 19.70
CA LEU A 181 -16.00 -0.60 21.02
C LEU A 181 -17.24 -1.44 20.78
N THR A 182 -17.81 -1.93 21.87
CA THR A 182 -19.04 -2.68 21.81
C THR A 182 -20.09 -1.68 22.28
N LYS A 183 -21.36 -1.96 22.05
CA LYS A 183 -22.40 -1.04 22.50
C LYS A 183 -22.46 -1.02 24.03
N ASP A 184 -22.00 -2.10 24.67
CA ASP A 184 -22.04 -2.16 26.12
C ASP A 184 -21.09 -1.13 26.71
N GLU A 185 -19.84 -1.18 26.31
CA GLU A 185 -18.86 -0.22 26.81
C GLU A 185 -19.10 1.19 26.31
N TYR A 186 -19.69 1.31 25.13
CA TYR A 186 -19.95 2.63 24.57
C TYR A 186 -20.93 3.39 25.47
N GLU A 187 -22.01 2.71 25.87
CA GLU A 187 -23.05 3.29 26.71
C GLU A 187 -22.64 3.53 28.17
N ARG A 188 -21.42 3.15 28.54
CA ARG A 188 -20.98 3.34 29.91
C ARG A 188 -20.08 4.56 30.09
N HIS A 189 -19.77 5.22 28.97
CA HIS A 189 -18.94 6.41 28.97
C HIS A 189 -19.60 7.52 28.17
N ASN A 190 -19.28 8.77 28.50
CA ASN A 190 -19.89 9.93 27.87
C ASN A 190 -19.04 10.80 26.97
N SER A 191 -17.79 11.02 27.37
CA SER A 191 -16.89 11.87 26.59
C SER A 191 -15.92 11.08 25.69
N TYR A 192 -15.97 11.36 24.40
CA TYR A 192 -15.10 10.72 23.43
C TYR A 192 -14.37 11.81 22.68
N THR A 193 -13.05 11.86 22.86
CA THR A 193 -12.25 12.89 22.21
C THR A 193 -11.08 12.35 21.38
N CYS A 194 -11.00 12.85 20.15
CA CYS A 194 -9.95 12.50 19.21
C CYS A 194 -8.95 13.65 19.27
N GLU A 195 -7.77 13.38 19.81
CA GLU A 195 -6.76 14.42 19.98
C GLU A 195 -5.53 14.23 19.09
N ALA A 196 -5.25 15.21 18.26
CA ALA A 196 -4.12 15.16 17.34
C ALA A 196 -2.94 16.02 17.81
N THR A 197 -1.73 15.58 17.48
CA THR A 197 -0.51 16.29 17.86
C THR A 197 0.28 16.56 16.59
N HIS A 198 0.43 17.84 16.25
CA HIS A 198 1.14 18.26 15.04
C HIS A 198 1.88 19.56 15.32
N LYS A 199 3.02 19.75 14.65
CA LYS A 199 3.85 20.95 14.83
C LYS A 199 3.22 22.27 14.34
N THR A 200 2.16 22.15 13.57
CA THR A 200 1.46 23.33 13.04
C THR A 200 0.62 23.99 14.13
N SER A 201 0.61 23.38 15.31
CA SER A 201 -0.15 23.91 16.44
C SER A 201 0.58 23.60 17.76
N THR A 202 0.79 24.63 18.58
CA THR A 202 1.47 24.46 19.87
C THR A 202 0.56 23.77 20.88
N SER A 203 -0.74 23.78 20.58
CA SER A 203 -1.73 23.13 21.42
C SER A 203 -2.41 22.08 20.54
N PRO A 204 -2.51 20.84 21.05
CA PRO A 204 -3.14 19.72 20.33
C PRO A 204 -4.52 20.06 19.78
N ILE A 205 -4.81 19.56 18.58
CA ILE A 205 -6.10 19.77 17.95
C ILE A 205 -7.01 18.75 18.64
N VAL A 206 -8.07 19.25 19.27
CA VAL A 206 -9.01 18.41 20.01
C VAL A 206 -10.42 18.46 19.46
N LYS A 207 -10.93 17.30 19.06
CA LYS A 207 -12.29 17.18 18.56
C LYS A 207 -12.99 16.14 19.41
N SER A 208 -14.17 16.49 19.89
CA SER A 208 -14.91 15.57 20.73
C SER A 208 -16.41 15.75 20.62
N PHE A 209 -17.13 14.76 21.14
CA PHE A 209 -18.59 14.77 21.17
C PHE A 209 -18.99 14.12 22.50
N ASN A 210 -20.28 14.10 22.79
CA ASN A 210 -20.76 13.51 24.02
C ASN A 210 -21.86 12.55 23.57
N ARG A 211 -21.81 11.33 24.09
CA ARG A 211 -22.80 10.32 23.73
C ARG A 211 -24.25 10.76 23.93
N ASN A 212 -24.45 11.79 24.76
CA ASN A 212 -25.80 12.30 25.05
C ASN A 212 -26.31 13.39 24.10
N GLU A 213 -25.43 13.94 23.27
CA GLU A 213 -25.83 14.95 22.30
C GLU A 213 -26.62 14.22 21.21
N ALA A 214 -27.09 14.94 20.19
CA ALA A 214 -27.84 14.29 19.10
C ALA A 214 -26.88 13.69 18.05
N GLN B 1 8.35 -7.53 -28.74
CA GLN B 1 8.53 -6.95 -27.39
C GLN B 1 8.27 -8.01 -26.32
N VAL B 2 9.16 -8.09 -25.34
CA VAL B 2 9.02 -9.08 -24.28
C VAL B 2 8.02 -8.62 -23.23
N GLN B 3 7.11 -9.53 -22.86
CA GLN B 3 6.09 -9.25 -21.85
C GLN B 3 5.84 -10.44 -20.95
N LEU B 4 5.75 -10.18 -19.65
CA LEU B 4 5.48 -11.21 -18.66
C LEU B 4 4.17 -10.90 -17.96
N GLN B 5 3.27 -11.89 -17.91
CA GLN B 5 1.98 -11.70 -17.26
C GLN B 5 1.72 -12.85 -16.32
N GLU B 6 1.39 -12.52 -15.07
CA GLU B 6 1.10 -13.52 -14.05
C GLU B 6 -0.39 -13.90 -14.03
N SER B 7 -0.67 -15.12 -13.56
CA SER B 7 -2.03 -15.64 -13.46
C SER B 7 -2.13 -16.64 -12.32
N GLY B 8 -3.33 -16.86 -11.83
CA GLY B 8 -3.53 -17.78 -10.73
C GLY B 8 -4.49 -17.17 -9.73
N PRO B 9 -5.24 -17.99 -8.98
CA PRO B 9 -6.21 -17.53 -7.97
C PRO B 9 -5.57 -16.64 -6.91
N GLY B 10 -6.32 -15.63 -6.47
CA GLY B 10 -5.78 -14.71 -5.48
C GLY B 10 -6.09 -15.01 -4.04
N LEU B 11 -6.59 -16.20 -3.73
CA LEU B 11 -6.95 -16.55 -2.35
C LEU B 11 -6.58 -17.99 -2.07
N VAL B 12 -5.87 -18.22 -0.98
CA VAL B 12 -5.42 -19.56 -0.60
C VAL B 12 -5.73 -19.83 0.87
N LYS B 13 -6.10 -21.07 1.19
CA LYS B 13 -6.38 -21.45 2.57
C LYS B 13 -5.09 -21.93 3.23
N PRO B 14 -4.88 -21.58 4.52
CA PRO B 14 -3.66 -22.01 5.23
C PRO B 14 -3.42 -23.53 5.16
N SER B 15 -2.17 -23.91 4.99
CA SER B 15 -1.72 -25.32 4.91
C SER B 15 -1.77 -25.88 3.49
N GLN B 16 -2.42 -25.17 2.59
CA GLN B 16 -2.49 -25.59 1.19
C GLN B 16 -1.37 -24.91 0.39
N SER B 17 -1.41 -25.05 -0.93
CA SER B 17 -0.37 -24.46 -1.74
C SER B 17 -0.81 -23.32 -2.66
N LEU B 18 0.09 -22.37 -2.83
CA LEU B 18 -0.10 -21.22 -3.69
C LEU B 18 0.55 -21.56 -5.02
N SER B 19 -0.18 -21.41 -6.11
CA SER B 19 0.38 -21.70 -7.42
C SER B 19 0.08 -20.60 -8.45
N LEU B 20 1.13 -20.06 -9.05
CA LEU B 20 1.02 -19.00 -10.06
C LEU B 20 1.66 -19.39 -11.39
N THR B 21 1.20 -18.75 -12.46
CA THR B 21 1.69 -18.98 -13.82
C THR B 21 2.21 -17.67 -14.40
N CYS B 22 3.34 -17.72 -15.09
CA CYS B 22 3.91 -16.53 -15.73
C CYS B 22 4.01 -16.82 -17.22
N THR B 23 3.15 -16.19 -17.99
CA THR B 23 3.12 -16.38 -19.43
C THR B 23 4.06 -15.38 -20.10
N VAL B 24 5.04 -15.91 -20.82
CA VAL B 24 6.06 -15.10 -21.50
C VAL B 24 5.78 -15.03 -23.00
N THR B 25 5.76 -13.81 -23.54
CA THR B 25 5.54 -13.63 -24.98
C THR B 25 6.61 -12.68 -25.49
N GLY B 26 7.13 -12.95 -26.68
CA GLY B 26 8.15 -12.10 -27.25
C GLY B 26 9.55 -12.63 -27.12
N TYR B 27 9.69 -13.79 -26.49
CA TYR B 27 10.99 -14.44 -26.31
C TYR B 27 10.73 -15.83 -25.79
N SER B 28 11.65 -16.75 -26.07
CA SER B 28 11.52 -18.13 -25.63
C SER B 28 12.31 -18.41 -24.34
N ILE B 29 11.62 -18.85 -23.30
CA ILE B 29 12.27 -19.14 -22.03
C ILE B 29 13.32 -20.28 -22.07
N THR B 30 13.58 -20.82 -23.27
CA THR B 30 14.58 -21.88 -23.39
C THR B 30 15.86 -21.35 -24.05
N SER B 31 15.76 -20.17 -24.66
CA SER B 31 16.86 -19.54 -25.37
C SER B 31 18.03 -19.07 -24.52
N ASP B 32 17.71 -18.32 -23.46
CA ASP B 32 18.73 -17.75 -22.58
C ASP B 32 18.07 -17.19 -21.29
N TYR B 33 18.91 -16.70 -20.37
CA TYR B 33 18.54 -16.08 -19.08
C TYR B 33 17.63 -16.79 -18.07
N ALA B 34 17.71 -16.33 -16.82
CA ALA B 34 16.92 -16.86 -15.70
C ALA B 34 15.57 -16.17 -15.57
N TRP B 35 14.55 -16.95 -15.22
CA TRP B 35 13.18 -16.45 -15.05
C TRP B 35 12.83 -16.59 -13.59
N ASN B 36 12.82 -15.45 -12.90
CA ASN B 36 12.62 -15.35 -11.46
C ASN B 36 11.21 -15.18 -10.90
N TRP B 37 11.13 -15.40 -9.58
CA TRP B 37 9.91 -15.25 -8.79
C TRP B 37 10.29 -14.48 -7.53
N ILE B 38 9.71 -13.29 -7.36
CA ILE B 38 9.98 -12.49 -6.17
C ILE B 38 8.63 -12.03 -5.60
N ARG B 39 8.59 -11.76 -4.30
CA ARG B 39 7.36 -11.30 -3.67
C ARG B 39 7.64 -10.07 -2.85
N GLN B 40 6.61 -9.22 -2.75
CA GLN B 40 6.71 -8.00 -1.97
C GLN B 40 5.69 -8.16 -0.85
N PHE B 41 6.16 -8.15 0.37
CA PHE B 41 5.29 -8.30 1.53
C PHE B 41 4.63 -6.96 1.84
N PRO B 42 3.46 -6.98 2.51
CA PRO B 42 2.79 -5.72 2.86
C PRO B 42 3.78 -5.03 3.80
N GLY B 43 4.36 -3.94 3.35
CA GLY B 43 5.37 -3.24 4.13
C GLY B 43 6.49 -2.85 3.17
N ASN B 44 6.30 -3.24 1.92
CA ASN B 44 7.24 -2.98 0.82
C ASN B 44 8.49 -3.85 0.80
N LYS B 45 8.64 -4.71 1.81
CA LYS B 45 9.78 -5.61 1.91
C LYS B 45 9.74 -6.60 0.74
N LEU B 46 10.88 -6.72 0.06
CA LEU B 46 11.01 -7.60 -1.10
C LEU B 46 11.79 -8.85 -0.77
N GLU B 47 11.40 -9.97 -1.34
CA GLU B 47 12.10 -11.23 -1.11
C GLU B 47 12.21 -11.97 -2.42
N TRP B 48 13.41 -12.50 -2.67
CA TRP B 48 13.68 -13.27 -3.85
C TRP B 48 13.39 -14.72 -3.50
N MET B 49 12.53 -15.37 -4.28
CA MET B 49 12.16 -16.77 -4.03
C MET B 49 13.01 -17.79 -4.81
N GLY B 50 13.21 -17.56 -6.10
CA GLY B 50 14.00 -18.48 -6.89
C GLY B 50 13.90 -18.25 -8.39
N TYR B 51 14.57 -19.12 -9.17
CA TYR B 51 14.51 -19.02 -10.62
C TYR B 51 14.71 -20.34 -11.36
N ILE B 52 14.34 -20.31 -12.63
CA ILE B 52 14.51 -21.45 -13.52
C ILE B 52 15.27 -20.86 -14.71
N SER B 53 16.42 -21.43 -15.02
CA SER B 53 17.25 -20.95 -16.14
C SER B 53 16.71 -21.45 -17.46
N TYR B 54 17.40 -21.13 -18.54
CA TYR B 54 16.96 -21.57 -19.86
C TYR B 54 17.26 -23.06 -20.07
N SER B 55 18.16 -23.61 -19.24
CA SER B 55 18.54 -25.01 -19.34
C SER B 55 17.70 -25.95 -18.48
N GLY B 56 16.73 -25.39 -17.75
CA GLY B 56 15.89 -26.22 -16.91
C GLY B 56 16.34 -26.32 -15.46
N SER B 57 17.44 -25.64 -15.13
CA SER B 57 17.95 -25.67 -13.77
C SER B 57 17.23 -24.66 -12.90
N THR B 58 17.09 -25.00 -11.62
CA THR B 58 16.41 -24.14 -10.67
C THR B 58 17.29 -23.84 -9.48
N SER B 59 17.12 -22.63 -8.94
CA SER B 59 17.86 -22.17 -7.77
C SER B 59 16.81 -21.53 -6.88
N TYR B 60 16.66 -22.05 -5.67
CA TYR B 60 15.67 -21.52 -4.76
C TYR B 60 16.35 -20.90 -3.56
N SER B 61 15.65 -19.97 -2.90
CA SER B 61 16.19 -19.36 -1.71
C SER B 61 16.21 -20.48 -0.67
N PRO B 62 17.31 -20.59 0.10
CA PRO B 62 17.50 -21.61 1.15
C PRO B 62 16.33 -21.80 2.09
N SER B 63 15.77 -20.70 2.58
CA SER B 63 14.65 -20.76 3.51
C SER B 63 13.32 -21.22 2.92
N LEU B 64 13.29 -21.37 1.59
CA LEU B 64 12.08 -21.80 0.89
C LEU B 64 12.30 -23.14 0.21
N LYS B 65 13.53 -23.62 0.19
CA LYS B 65 13.90 -24.88 -0.48
C LYS B 65 13.01 -26.10 -0.28
N SER B 66 12.40 -26.22 0.90
CA SER B 66 11.54 -27.37 1.19
C SER B 66 10.07 -27.20 0.81
N ARG B 67 9.68 -25.95 0.59
CA ARG B 67 8.30 -25.61 0.26
C ARG B 67 8.10 -25.13 -1.18
N ILE B 68 9.18 -24.73 -1.82
CA ILE B 68 9.06 -24.18 -3.15
C ILE B 68 9.34 -25.14 -4.28
N SER B 69 8.74 -24.82 -5.43
CA SER B 69 8.89 -25.61 -6.62
C SER B 69 8.63 -24.69 -7.81
N LEU B 70 9.67 -24.51 -8.61
CA LEU B 70 9.58 -23.71 -9.81
C LEU B 70 9.60 -24.69 -10.98
N THR B 71 8.63 -24.56 -11.88
CA THR B 71 8.49 -25.46 -13.01
C THR B 71 8.18 -24.72 -14.30
N ARG B 72 8.35 -25.38 -15.45
CA ARG B 72 8.09 -24.74 -16.73
C ARG B 72 7.26 -25.62 -17.69
N ASP B 73 6.81 -24.99 -18.78
CA ASP B 73 6.07 -25.63 -19.87
C ASP B 73 6.63 -24.89 -21.08
N THR B 74 7.67 -25.46 -21.67
CA THR B 74 8.35 -24.85 -22.80
C THR B 74 7.47 -24.61 -24.04
N SER B 75 6.64 -25.58 -24.39
CA SER B 75 5.79 -25.45 -25.58
C SER B 75 4.77 -24.32 -25.49
N LYS B 76 4.34 -23.99 -24.28
CA LYS B 76 3.39 -22.89 -24.09
C LYS B 76 4.14 -21.62 -23.65
N ASN B 77 5.43 -21.76 -23.40
CA ASN B 77 6.32 -20.68 -23.00
C ASN B 77 5.88 -19.97 -21.73
N GLN B 78 5.70 -20.75 -20.67
CA GLN B 78 5.32 -20.20 -19.39
C GLN B 78 5.95 -21.03 -18.29
N PHE B 79 6.26 -20.37 -17.17
CA PHE B 79 6.82 -21.04 -16.02
C PHE B 79 5.95 -20.74 -14.82
N PHE B 80 5.91 -21.66 -13.88
CA PHE B 80 5.06 -21.53 -12.71
C PHE B 80 5.78 -21.49 -11.39
N LEU B 81 5.02 -21.19 -10.35
CA LEU B 81 5.52 -21.16 -8.98
C LEU B 81 4.56 -21.95 -8.12
N GLN B 82 5.10 -22.72 -7.19
CA GLN B 82 4.27 -23.47 -6.27
C GLN B 82 4.90 -23.42 -4.91
N LEU B 83 4.18 -22.83 -3.96
CA LEU B 83 4.64 -22.72 -2.60
C LEU B 83 3.75 -23.64 -1.77
N ASN B 84 4.34 -24.62 -1.14
CA ASN B 84 3.59 -25.59 -0.35
C ASN B 84 3.41 -25.12 1.06
N SER B 85 2.41 -25.72 1.73
CA SER B 85 2.08 -25.41 3.11
C SER B 85 2.17 -23.93 3.48
N VAL B 86 1.44 -23.10 2.76
CA VAL B 86 1.43 -21.65 3.00
C VAL B 86 0.76 -21.32 4.34
N THR B 87 1.23 -20.24 4.96
CA THR B 87 0.70 -19.73 6.23
C THR B 87 0.33 -18.28 5.92
N THR B 88 -0.36 -17.61 6.85
CA THR B 88 -0.75 -16.22 6.64
C THR B 88 0.42 -15.27 6.26
N GLU B 89 1.63 -15.63 6.68
CA GLU B 89 2.81 -14.81 6.36
C GLU B 89 3.12 -14.76 4.87
N ASP B 90 2.67 -15.77 4.13
CA ASP B 90 2.88 -15.84 2.69
C ASP B 90 1.97 -14.91 1.90
N THR B 91 1.12 -14.17 2.61
CA THR B 91 0.23 -13.23 1.96
C THR B 91 1.17 -12.16 1.39
N ALA B 92 1.15 -11.98 0.07
CA ALA B 92 2.03 -11.02 -0.57
C ALA B 92 1.69 -10.83 -2.03
N THR B 93 2.40 -9.89 -2.67
CA THR B 93 2.18 -9.63 -4.08
C THR B 93 3.32 -10.29 -4.80
N TYR B 94 2.99 -11.25 -5.66
CA TYR B 94 3.98 -12.02 -6.40
C TYR B 94 4.34 -11.51 -7.78
N TYR B 95 5.64 -11.47 -8.06
CA TYR B 95 6.13 -11.00 -9.35
C TYR B 95 7.06 -11.99 -10.04
N CYS B 96 6.83 -12.24 -11.32
CA CYS B 96 7.74 -13.07 -12.08
C CYS B 96 8.57 -12.00 -12.79
N VAL B 97 9.88 -12.18 -12.82
CA VAL B 97 10.77 -11.20 -13.41
C VAL B 97 11.98 -11.89 -14.01
N THR B 98 12.54 -11.32 -15.08
CA THR B 98 13.70 -11.91 -15.74
C THR B 98 15.03 -11.35 -15.24
N SER B 99 16.10 -12.04 -15.62
CA SER B 99 17.45 -11.58 -15.31
C SER B 99 17.71 -10.52 -16.39
N LEU B 100 18.97 -10.12 -16.55
CA LEU B 100 19.30 -9.12 -17.57
C LEU B 100 19.27 -9.71 -18.98
N THR B 101 18.41 -9.11 -19.81
CA THR B 101 18.22 -9.50 -21.20
C THR B 101 18.97 -8.54 -22.15
N TRP B 102 19.43 -9.06 -23.28
CA TRP B 102 20.18 -8.28 -24.27
C TRP B 102 19.59 -8.51 -25.66
N LEU B 103 18.63 -7.67 -26.03
CA LEU B 103 18.00 -7.75 -27.34
C LEU B 103 18.22 -6.43 -28.03
N LEU B 104 18.07 -5.34 -27.28
CA LEU B 104 18.28 -4.00 -27.80
C LEU B 104 19.76 -3.65 -27.63
N ARG B 105 20.09 -2.37 -27.46
CA ARG B 105 21.48 -1.97 -27.30
C ARG B 105 22.02 -2.33 -25.90
N ARG B 106 21.45 -1.70 -24.89
CA ARG B 106 21.82 -1.96 -23.50
C ARG B 106 20.90 -3.04 -22.96
N LYS B 107 21.36 -3.72 -21.92
CA LYS B 107 20.57 -4.77 -21.31
C LYS B 107 19.29 -4.16 -20.74
N ARG B 108 18.30 -5.03 -20.53
CA ARG B 108 17.01 -4.63 -19.99
C ARG B 108 16.40 -5.81 -19.26
N SER B 109 15.71 -5.53 -18.16
CA SER B 109 15.07 -6.58 -17.38
C SER B 109 13.55 -6.44 -17.51
N TYR B 110 12.88 -7.57 -17.58
CA TYR B 110 11.43 -7.54 -17.70
C TYR B 110 10.70 -7.97 -16.44
N TRP B 111 9.62 -7.25 -16.16
CA TRP B 111 8.79 -7.48 -15.00
C TRP B 111 7.34 -7.71 -15.39
N GLY B 112 6.60 -8.35 -14.50
CA GLY B 112 5.19 -8.59 -14.72
C GLY B 112 4.46 -7.58 -13.87
N GLN B 113 3.13 -7.63 -13.84
CA GLN B 113 2.35 -6.68 -13.06
C GLN B 113 2.22 -7.10 -11.59
N GLY B 114 2.32 -8.40 -11.34
CA GLY B 114 2.20 -8.90 -9.99
C GLY B 114 0.76 -9.12 -9.53
N THR B 115 0.52 -10.24 -8.85
CA THR B 115 -0.80 -10.57 -8.31
C THR B 115 -0.68 -10.73 -6.79
N THR B 116 -1.64 -10.15 -6.05
CA THR B 116 -1.66 -10.26 -4.60
C THR B 116 -2.32 -11.59 -4.28
N VAL B 117 -1.75 -12.33 -3.35
CA VAL B 117 -2.30 -13.60 -2.94
C VAL B 117 -2.44 -13.56 -1.43
N THR B 118 -3.68 -13.62 -0.98
CA THR B 118 -3.99 -13.58 0.44
C THR B 118 -4.23 -14.98 0.98
N VAL B 119 -3.71 -15.25 2.17
CA VAL B 119 -3.90 -16.54 2.82
C VAL B 119 -4.72 -16.31 4.09
N SER B 120 -5.98 -16.76 4.04
CA SER B 120 -6.96 -16.64 5.13
C SER B 120 -7.95 -17.81 5.02
N SER B 121 -8.72 -18.03 6.09
CA SER B 121 -9.69 -19.13 6.10
C SER B 121 -11.09 -18.55 6.22
N ALA B 122 -11.22 -17.26 5.91
CA ALA B 122 -12.49 -16.60 6.02
C ALA B 122 -13.33 -16.69 4.78
N SER B 123 -14.60 -17.06 4.95
CA SER B 123 -15.50 -17.11 3.82
C SER B 123 -15.68 -15.67 3.37
N THR B 124 -16.08 -15.50 2.11
CA THR B 124 -16.35 -14.16 1.60
C THR B 124 -17.47 -13.72 2.55
N LYS B 125 -17.26 -12.60 3.22
CA LYS B 125 -18.23 -12.07 4.16
C LYS B 125 -18.45 -10.61 3.81
N GLY B 126 -19.61 -10.33 3.20
CA GLY B 126 -19.98 -8.99 2.77
C GLY B 126 -19.78 -7.83 3.74
N PRO B 127 -19.67 -6.58 3.24
CA PRO B 127 -19.48 -5.48 4.17
C PRO B 127 -20.72 -4.89 4.84
N SER B 128 -20.49 -4.31 6.01
CA SER B 128 -21.52 -3.63 6.76
C SER B 128 -21.14 -2.17 6.48
N VAL B 129 -22.06 -1.43 5.87
CA VAL B 129 -21.82 -0.04 5.49
C VAL B 129 -22.62 0.88 6.41
N TYR B 130 -21.91 1.82 7.03
CA TYR B 130 -22.52 2.77 7.94
C TYR B 130 -22.24 4.19 7.52
N PRO B 131 -23.29 5.03 7.49
CA PRO B 131 -23.12 6.42 7.10
C PRO B 131 -22.54 7.20 8.28
N LEU B 132 -21.55 8.04 8.02
CA LEU B 132 -20.97 8.84 9.08
C LEU B 132 -21.42 10.28 8.86
N ALA B 133 -22.52 10.65 9.50
CA ALA B 133 -22.98 12.01 9.38
C ALA B 133 -22.33 12.85 10.50
N PRO B 134 -22.30 14.17 10.32
CA PRO B 134 -21.70 14.96 11.41
C PRO B 134 -22.58 14.72 12.73
N GLY B 135 -21.79 14.86 13.80
CA GLY B 135 -22.36 14.70 15.11
C GLY B 135 -23.03 15.92 15.75
N SER B 136 -23.54 16.98 15.12
CA SER B 136 -24.17 18.05 15.97
C SER B 136 -23.33 19.20 16.56
N LYS B 137 -22.21 19.51 15.89
CA LYS B 137 -21.31 20.60 16.25
C LYS B 137 -20.88 21.22 14.90
N ALA B 138 -20.08 22.33 15.02
CA ALA B 138 -19.46 23.28 13.94
C ALA B 138 -18.22 22.61 12.88
N ALA B 139 -21.87 23.38 10.57
CA ALA B 139 -20.50 23.61 11.08
C ALA B 139 -20.00 25.00 10.68
N ALA B 140 -19.11 24.90 9.71
CA ALA B 140 -18.44 26.00 9.08
C ALA B 140 -18.89 25.84 7.64
N SER B 141 -18.16 26.49 6.74
CA SER B 141 -18.48 26.46 5.31
C SER B 141 -18.22 25.14 4.57
N MET B 142 -17.57 24.19 5.23
CA MET B 142 -17.26 22.88 4.64
C MET B 142 -17.76 21.78 5.56
N VAL B 143 -18.32 20.72 4.99
CA VAL B 143 -18.79 19.60 5.80
C VAL B 143 -17.98 18.39 5.39
N THR B 144 -17.71 17.52 6.34
CA THR B 144 -16.99 16.28 6.04
C THR B 144 -17.92 15.17 6.48
N LEU B 145 -18.25 14.31 5.54
CA LEU B 145 -19.15 13.19 5.78
C LEU B 145 -18.32 11.92 5.56
N GLY B 146 -18.79 10.81 6.10
CA GLY B 146 -18.04 9.58 5.97
C GLY B 146 -18.86 8.36 5.66
N CYS B 147 -18.16 7.26 5.38
CA CYS B 147 -18.81 6.01 5.06
C CYS B 147 -17.93 4.90 5.61
N LEU B 148 -18.47 4.16 6.57
CA LEU B 148 -17.72 3.11 7.21
C LEU B 148 -18.09 1.72 6.68
N VAL B 149 -17.09 1.05 6.13
CA VAL B 149 -17.23 -0.28 5.57
C VAL B 149 -16.48 -1.24 6.47
N LYS B 150 -17.19 -2.02 7.27
CA LYS B 150 -16.49 -2.92 8.17
C LYS B 150 -16.86 -4.39 8.12
N GLY B 151 -15.94 -5.21 8.62
CA GLY B 151 -16.15 -6.64 8.68
C GLY B 151 -16.43 -7.34 7.37
N TYR B 152 -15.60 -7.08 6.38
CA TYR B 152 -15.77 -7.71 5.08
C TYR B 152 -14.54 -8.50 4.68
N PHE B 153 -14.76 -9.49 3.82
CA PHE B 153 -13.71 -10.34 3.33
C PHE B 153 -14.24 -11.00 2.06
N PRO B 154 -13.41 -11.08 1.01
CA PRO B 154 -12.01 -10.64 0.93
C PRO B 154 -11.91 -9.24 0.32
N GLU B 155 -10.67 -8.78 0.14
CA GLU B 155 -10.39 -7.48 -0.49
C GLU B 155 -10.60 -7.70 -2.00
N PRO B 156 -10.86 -6.62 -2.77
CA PRO B 156 -11.14 -5.25 -2.33
C PRO B 156 -12.60 -4.88 -2.29
N VAL B 157 -12.85 -3.58 -2.22
CA VAL B 157 -14.19 -3.00 -2.23
C VAL B 157 -14.10 -1.69 -2.99
N THR B 158 -15.14 -1.37 -3.74
CA THR B 158 -15.17 -0.13 -4.51
C THR B 158 -16.10 0.88 -3.83
N VAL B 159 -15.54 2.04 -3.50
CA VAL B 159 -16.30 3.10 -2.85
C VAL B 159 -16.29 4.33 -3.75
N THR B 160 -17.50 4.76 -4.12
CA THR B 160 -17.67 5.95 -4.95
C THR B 160 -18.74 6.80 -4.29
N TRP B 161 -18.67 8.10 -4.49
CA TRP B 161 -19.66 8.99 -3.94
C TRP B 161 -20.47 9.56 -5.10
N ASN B 162 -21.79 9.35 -5.01
CA ASN B 162 -22.63 10.06 -5.95
C ASN B 162 -23.53 10.64 -4.51
N SER B 163 -21.89 8.61 -7.84
CA SER B 163 -22.22 7.40 -8.66
C SER B 163 -20.89 7.70 -9.27
N GLY B 164 -20.25 8.82 -8.93
CA GLY B 164 -18.98 9.06 -9.39
C GLY B 164 -18.56 10.34 -9.86
N SER B 165 -19.77 10.97 -9.86
CA SER B 165 -19.79 12.58 -10.14
C SER B 165 -19.22 13.27 -9.12
N LEU B 166 -19.08 12.71 -7.91
CA LEU B 166 -18.38 13.44 -6.83
C LEU B 166 -16.95 12.87 -6.75
N SER B 167 -15.98 13.67 -7.18
CA SER B 167 -14.58 13.25 -7.20
C SER B 167 -13.67 14.02 -6.26
N SER B 168 -13.91 15.32 -6.13
CA SER B 168 -13.09 16.18 -5.30
C SER B 168 -13.31 16.08 -3.81
N GLY B 169 -12.24 16.27 -3.04
CA GLY B 169 -12.32 16.21 -1.59
C GLY B 169 -12.67 14.84 -1.04
N VAL B 170 -12.50 13.82 -1.87
CA VAL B 170 -12.82 12.45 -1.49
C VAL B 170 -11.55 11.69 -1.07
N HIS B 171 -11.59 11.12 0.13
CA HIS B 171 -10.47 10.35 0.65
C HIS B 171 -10.87 8.95 1.05
N THR B 172 -10.42 7.96 0.28
CA THR B 172 -10.73 6.57 0.58
C THR B 172 -9.46 5.96 1.17
N PHE B 173 -9.49 5.72 2.48
CA PHE B 173 -8.35 5.16 3.19
C PHE B 173 -8.19 3.66 2.94
N PRO B 174 -6.93 3.17 2.92
CA PRO B 174 -6.64 1.75 2.69
C PRO B 174 -7.20 0.87 3.80
N ALA B 175 -7.42 -0.41 3.49
CA ALA B 175 -7.98 -1.35 4.44
C ALA B 175 -6.97 -1.97 5.41
N VAL B 176 -7.41 -2.16 6.64
CA VAL B 176 -6.58 -2.76 7.68
C VAL B 176 -7.32 -3.98 8.25
N LEU B 177 -6.56 -4.99 8.69
CA LEU B 177 -7.16 -6.19 9.25
C LEU B 177 -7.71 -5.93 10.63
N GLN B 178 -8.73 -6.67 10.98
CA GLN B 178 -9.40 -6.54 12.24
C GLN B 178 -10.04 -7.90 12.47
N SER B 179 -9.36 -8.73 13.24
CA SER B 179 -9.85 -10.07 13.55
C SER B 179 -10.23 -10.86 12.29
N ASP B 180 -9.33 -10.83 11.30
CA ASP B 180 -9.49 -11.53 10.02
C ASP B 180 -10.49 -11.00 9.00
N LEU B 181 -11.09 -9.84 9.28
CA LEU B 181 -12.04 -9.21 8.37
C LEU B 181 -11.52 -7.81 8.10
N TYR B 182 -11.82 -7.27 6.92
CA TYR B 182 -11.34 -5.94 6.59
C TYR B 182 -12.29 -4.82 7.04
N THR B 183 -11.75 -3.61 7.12
CA THR B 183 -12.50 -2.42 7.52
C THR B 183 -11.85 -1.20 6.90
N LEU B 184 -12.64 -0.41 6.17
CA LEU B 184 -12.16 0.81 5.57
C LEU B 184 -13.21 1.89 5.67
N SER B 185 -12.78 3.12 5.46
CA SER B 185 -13.69 4.26 5.51
C SER B 185 -13.31 5.25 4.43
N SER B 186 -14.26 6.10 4.06
CA SER B 186 -14.05 7.10 3.04
C SER B 186 -14.73 8.38 3.48
N SER B 187 -14.15 9.51 3.10
CA SER B 187 -14.72 10.79 3.47
C SER B 187 -14.81 11.72 2.27
N VAL B 188 -15.84 12.56 2.28
CA VAL B 188 -16.04 13.53 1.23
C VAL B 188 -16.32 14.89 1.87
N THR B 189 -15.63 15.92 1.38
CA THR B 189 -15.79 17.27 1.89
C THR B 189 -16.48 18.16 0.86
N VAL B 190 -17.74 18.48 1.13
CA VAL B 190 -18.52 19.33 0.24
C VAL B 190 -18.91 20.62 0.95
N PRO B 191 -19.14 21.70 0.19
CA PRO B 191 -19.53 22.98 0.80
C PRO B 191 -20.81 22.76 1.63
N SER B 192 -20.94 23.50 2.72
CA SER B 192 -22.09 23.37 3.63
C SER B 192 -23.48 23.67 3.06
N SER B 193 -23.54 24.40 1.94
CA SER B 193 -24.82 24.70 1.32
C SER B 193 -25.34 23.43 0.60
N PRO B 194 -24.47 22.76 -0.19
CA PRO B 194 -24.86 21.54 -0.90
C PRO B 194 -25.63 20.54 -0.04
N ARG B 195 -24.99 19.94 0.95
CA ARG B 195 -25.69 19.00 1.80
C ARG B 195 -26.44 19.76 2.91
N PRO B 196 -27.65 19.30 3.24
CA PRO B 196 -28.26 18.09 2.71
C PRO B 196 -29.18 18.26 1.49
N SER B 197 -29.38 19.50 1.05
CA SER B 197 -30.24 19.78 -0.11
C SER B 197 -29.76 19.06 -1.38
N GLU B 198 -28.45 18.88 -1.51
CA GLU B 198 -27.89 18.16 -2.64
C GLU B 198 -27.32 16.87 -2.06
N THR B 199 -28.14 15.82 -2.11
CA THR B 199 -27.81 14.52 -1.57
C THR B 199 -26.43 13.93 -1.85
N VAL B 200 -25.90 13.29 -0.81
CA VAL B 200 -24.61 12.65 -0.85
C VAL B 200 -24.81 11.18 -0.51
N THR B 201 -24.72 10.36 -1.54
CA THR B 201 -24.88 8.93 -1.38
C THR B 201 -23.53 8.27 -1.54
N CYS B 202 -23.28 7.33 -0.63
CA CYS B 202 -22.05 6.56 -0.64
C CYS B 202 -22.37 5.24 -1.31
N ASN B 203 -21.54 4.86 -2.30
CA ASN B 203 -21.75 3.62 -3.05
C ASN B 203 -20.67 2.58 -2.77
N VAL B 204 -21.01 1.57 -1.99
CA VAL B 204 -20.06 0.52 -1.65
C VAL B 204 -20.43 -0.76 -2.41
N ALA B 205 -19.43 -1.31 -3.10
CA ALA B 205 -19.61 -2.53 -3.86
C ALA B 205 -18.55 -3.55 -3.48
N HIS B 206 -19.00 -4.78 -3.24
CA HIS B 206 -18.11 -5.88 -2.89
C HIS B 206 -18.31 -6.91 -4.00
N PRO B 207 -17.32 -7.06 -4.87
CA PRO B 207 -17.42 -8.02 -5.97
C PRO B 207 -17.57 -9.47 -5.52
N ALA B 208 -16.63 -9.93 -4.69
CA ALA B 208 -16.62 -11.29 -4.18
C ALA B 208 -17.95 -11.82 -3.64
N SER B 209 -18.90 -10.93 -3.35
CA SER B 209 -20.18 -11.38 -2.84
C SER B 209 -21.36 -10.84 -3.64
N SER B 210 -21.05 -10.21 -4.78
CA SER B 210 -22.08 -9.64 -5.66
C SER B 210 -22.99 -8.74 -4.82
N THR B 211 -22.38 -7.78 -4.12
CA THR B 211 -23.10 -6.87 -3.27
C THR B 211 -22.90 -5.42 -3.69
N LYS B 212 -23.99 -4.66 -3.68
CA LYS B 212 -23.99 -3.25 -4.03
C LYS B 212 -24.91 -2.53 -3.03
N VAL B 213 -24.28 -1.81 -2.10
CA VAL B 213 -24.98 -1.07 -1.07
C VAL B 213 -24.90 0.45 -1.31
N ASP B 214 -26.04 1.11 -1.24
CA ASP B 214 -26.14 2.55 -1.43
C ASP B 214 -26.64 3.15 -0.12
N LYS B 215 -25.74 3.78 0.64
CA LYS B 215 -26.11 4.38 1.91
C LYS B 215 -26.01 5.89 1.88
N LYS B 216 -27.16 6.55 1.98
CA LYS B 216 -27.25 8.00 1.94
C LYS B 216 -26.83 8.59 3.27
N ILE B 217 -26.04 9.65 3.22
CA ILE B 217 -25.58 10.34 4.43
C ILE B 217 -26.60 11.45 4.77
N VAL B 218 -27.53 11.15 5.68
CA VAL B 218 -28.55 12.11 6.11
C VAL B 218 -28.15 12.71 7.47
N PRO B 219 -28.48 14.00 7.70
CA PRO B 219 -28.14 14.65 8.98
C PRO B 219 -28.77 13.91 10.14
N GLU B 220 -28.05 13.81 11.25
CA GLU B 220 -28.55 13.09 12.43
C GLU B 220 -29.90 13.62 12.91
#